data_7ZLO
#
_entry.id   7ZLO
#
_cell.length_a   55.926
_cell.length_b   52.363
_cell.length_c   77.583
_cell.angle_alpha   90.000
_cell.angle_beta   108.288
_cell.angle_gamma   90.000
#
_symmetry.space_group_name_H-M   'P 1 21 1'
#
loop_
_entity.id
_entity.type
_entity.pdbx_description
1 polymer 'Suppressor of cytokine signaling 2'
2 polymer Elongin-B
3 polymer Elongin-C
4 non-polymer '[4-[(2~{S})-3-[(3-ethyl-4-fluoranyl-phenyl)methylamino]-2-[2-(4-fluorophenyl)ethanoylamino]-3-oxidanylidene-propyl]phenyl] dihydrogen phosphate'
5 water water
#
loop_
_entity_poly.entity_id
_entity_poly.type
_entity_poly.pdbx_seq_one_letter_code
_entity_poly.pdbx_strand_id
1 'polypeptide(L)'
;SMQAARLAKALRELGQTGWYWGSMTVNEAKEKLKEAPEGTFLIRDSSHSDYLLTISVKTSAGPTNLRIEYQDGKFRLDSI
ICVKSKLKQFDSVVHLIDYYVQMCKDKRTGPEAPRNGTVHLYLTKPLYTSAPSLQHLCRLTINKCTGAIWGLPLPTRLKD
YLEEYKFQV
;
A
2 'polypeptide(L)'
;MDVFLMIRRHKTTIFTDAKESSTVFELKRIVEGILKRPPDEQRLYKDDQLLDDGKTLGECGFTSQTARPQAPATVGLAFR
ADDTFEALCIEPFSSPPELPDVMKPQDSGSSANEQAVQ
;
B
3 'polypeptide(L)'
;MMYVKLISSDGHEFIVKREHALTSGTIKAMLSGPGQFAENETNEVNFREIPSHVLSKVCMYFTYKVRYTNSSTEIPEFPI
APEIALELLMAANFLDC
;
C
#
loop_
_chem_comp.id
_chem_comp.type
_chem_comp.name
_chem_comp.formula
JI0 non-polymer '[4-[(2~{S})-3-[(3-ethyl-4-fluoranyl-phenyl)methylamino]-2-[2-(4-fluorophenyl)ethanoylamino]-3-oxidanylidene-propyl]phenyl] dihydrogen phosphate' 'C26 H27 F2 N2 O6 P'
#
# COMPACT_ATOMS: atom_id res chain seq x y z
N SER A 1 16.25 -33.16 -0.06
CA SER A 1 17.55 -32.50 0.06
C SER A 1 17.44 -31.15 0.75
N MET A 2 18.51 -30.76 1.46
CA MET A 2 18.58 -29.41 2.01
C MET A 2 18.63 -28.36 0.91
N GLN A 3 19.15 -28.74 -0.25
CA GLN A 3 19.02 -27.88 -1.42
C GLN A 3 17.55 -27.72 -1.82
N ALA A 4 16.87 -28.83 -2.12
CA ALA A 4 15.48 -28.75 -2.57
C ALA A 4 14.59 -28.00 -1.56
N ALA A 5 14.88 -28.15 -0.27
CA ALA A 5 14.13 -27.40 0.75
C ALA A 5 14.39 -25.90 0.64
N ARG A 6 15.64 -25.49 0.39
CA ARG A 6 15.90 -24.06 0.24
C ARG A 6 15.28 -23.51 -1.05
N LEU A 7 15.16 -24.33 -2.09
CA LEU A 7 14.54 -23.82 -3.32
C LEU A 7 13.03 -23.70 -3.18
N ALA A 8 12.40 -24.62 -2.45
CA ALA A 8 10.97 -24.49 -2.19
C ALA A 8 10.69 -23.21 -1.43
N LYS A 9 11.50 -22.91 -0.40
CA LYS A 9 11.32 -21.68 0.35
C LYS A 9 11.56 -20.45 -0.52
N ALA A 10 12.60 -20.49 -1.37
CA ALA A 10 12.83 -19.38 -2.28
C ALA A 10 11.59 -19.09 -3.08
N LEU A 11 10.93 -20.13 -3.59
CA LEU A 11 9.75 -19.92 -4.42
C LEU A 11 8.55 -19.47 -3.61
N ARG A 12 8.48 -19.93 -2.36
CA ARG A 12 7.46 -19.45 -1.45
C ARG A 12 7.60 -17.95 -1.22
N GLU A 13 8.82 -17.47 -0.92
CA GLU A 13 9.00 -16.05 -0.70
C GLU A 13 8.58 -15.26 -1.93
N LEU A 14 8.94 -15.76 -3.10
CA LEU A 14 8.62 -15.10 -4.35
C LEU A 14 7.12 -14.87 -4.47
N GLY A 15 6.32 -15.85 -4.07
CA GLY A 15 4.87 -15.66 -4.14
C GLY A 15 4.35 -14.61 -3.18
N GLN A 16 5.08 -14.35 -2.10
CA GLN A 16 4.71 -13.30 -1.16
C GLN A 16 4.97 -11.89 -1.66
N THR A 17 5.77 -11.71 -2.74
CA THR A 17 6.25 -10.36 -3.03
C THR A 17 5.12 -9.45 -3.48
N GLY A 18 4.18 -9.98 -4.25
CA GLY A 18 3.28 -9.12 -4.97
C GLY A 18 3.85 -8.53 -6.23
N TRP A 19 5.13 -8.79 -6.54
CA TRP A 19 5.70 -8.31 -7.80
C TRP A 19 6.27 -9.43 -8.64
N TYR A 20 5.82 -10.66 -8.40
CA TYR A 20 6.14 -11.80 -9.22
C TYR A 20 5.00 -11.96 -10.21
N TRP A 21 5.31 -11.82 -11.51
CA TRP A 21 4.29 -11.84 -12.55
C TRP A 21 4.18 -13.18 -13.26
N GLY A 22 4.88 -14.20 -12.80
CA GLY A 22 4.70 -15.52 -13.36
C GLY A 22 5.02 -15.53 -14.84
N SER A 23 4.15 -16.17 -15.59
CA SER A 23 4.32 -16.34 -17.03
C SER A 23 3.91 -15.06 -17.73
N MET A 24 4.87 -14.26 -18.12
CA MET A 24 4.63 -12.98 -18.77
C MET A 24 5.71 -12.91 -19.82
N THR A 25 5.34 -12.58 -21.05
CA THR A 25 6.32 -12.54 -22.13
C THR A 25 7.15 -11.27 -22.02
N VAL A 26 8.28 -11.23 -22.74
CA VAL A 26 9.11 -10.04 -22.69
C VAL A 26 8.36 -8.82 -23.23
N ASN A 27 7.45 -9.01 -24.21
CA ASN A 27 6.72 -7.90 -24.78
C ASN A 27 5.58 -7.42 -23.90
N GLU A 28 4.97 -8.32 -23.14
CA GLU A 28 4.02 -7.85 -22.13
C GLU A 28 4.73 -7.05 -21.05
N ALA A 29 5.95 -7.46 -20.68
CA ALA A 29 6.70 -6.73 -19.68
C ALA A 29 7.11 -5.36 -20.21
N LYS A 30 7.53 -5.31 -21.48
CA LYS A 30 7.88 -4.05 -22.12
C LYS A 30 6.69 -3.10 -22.16
N GLU A 31 5.49 -3.62 -22.45
CA GLU A 31 4.31 -2.77 -22.44
C GLU A 31 4.00 -2.29 -21.03
N LYS A 32 4.07 -3.19 -20.04
CA LYS A 32 3.68 -2.84 -18.69
C LYS A 32 4.67 -1.92 -18.01
N LEU A 33 5.90 -1.85 -18.49
CA LEU A 33 6.94 -1.00 -17.93
C LEU A 33 7.12 0.31 -18.69
N LYS A 34 6.40 0.51 -19.79
CA LYS A 34 6.74 1.58 -20.73
C LYS A 34 6.60 2.96 -20.12
N GLU A 35 5.57 3.17 -19.30
CA GLU A 35 5.30 4.47 -18.69
C GLU A 35 5.81 4.59 -17.26
N ALA A 36 6.59 3.65 -16.78
CA ALA A 36 7.01 3.64 -15.39
C ALA A 36 8.27 4.46 -15.20
N PRO A 37 8.50 4.98 -13.98
CA PRO A 37 9.73 5.73 -13.73
C PRO A 37 10.95 4.83 -13.81
N GLU A 38 12.07 5.44 -14.15
CA GLU A 38 13.37 4.80 -14.14
C GLU A 38 13.52 3.94 -12.89
N GLY A 39 14.02 2.73 -13.07
CA GLY A 39 14.27 1.84 -11.96
C GLY A 39 13.12 0.94 -11.55
N THR A 40 11.90 1.20 -12.03
CA THR A 40 10.78 0.31 -11.75
C THR A 40 11.06 -1.08 -12.31
N PHE A 41 10.77 -2.12 -11.53
CA PHE A 41 11.19 -3.46 -11.90
C PHE A 41 10.08 -4.46 -11.56
N LEU A 42 10.16 -5.62 -12.19
CA LEU A 42 9.35 -6.76 -11.81
C LEU A 42 10.19 -8.01 -12.05
N ILE A 43 9.71 -9.12 -11.52
CA ILE A 43 10.33 -10.41 -11.78
C ILE A 43 9.28 -11.27 -12.47
N ARG A 44 9.73 -12.14 -13.36
CA ARG A 44 8.82 -12.96 -14.13
C ARG A 44 9.57 -14.21 -14.58
N ASP A 45 8.82 -15.21 -15.02
CA ASP A 45 9.45 -16.42 -15.49
C ASP A 45 10.24 -16.10 -16.73
N SER A 46 11.38 -16.74 -16.90
CA SER A 46 12.13 -16.58 -18.14
C SER A 46 11.52 -17.48 -19.20
N SER A 47 11.43 -16.98 -20.42
CA SER A 47 11.06 -17.86 -21.53
C SER A 47 12.23 -18.68 -22.05
N HIS A 48 13.34 -18.70 -21.35
CA HIS A 48 14.52 -19.40 -21.83
C HIS A 48 14.68 -20.72 -21.09
N SER A 49 15.08 -21.75 -21.84
CA SER A 49 15.11 -23.13 -21.32
C SER A 49 15.97 -23.30 -20.09
N ASP A 50 17.06 -22.53 -19.99
CA ASP A 50 18.05 -22.80 -18.96
C ASP A 50 17.93 -21.86 -17.77
N TYR A 51 16.97 -20.93 -17.79
CA TYR A 51 16.79 -19.96 -16.71
C TYR A 51 15.38 -20.04 -16.15
N LEU A 52 15.30 -19.92 -14.82
CA LEU A 52 13.99 -19.93 -14.18
C LEU A 52 13.31 -18.57 -14.28
N LEU A 53 14.04 -17.48 -14.03
CA LEU A 53 13.45 -16.19 -13.79
C LEU A 53 14.25 -15.07 -14.45
N THR A 54 13.56 -13.99 -14.76
CA THR A 54 14.11 -12.83 -15.43
C THR A 54 13.62 -11.58 -14.73
N ILE A 55 14.52 -10.64 -14.50
CA ILE A 55 14.16 -9.29 -14.07
C ILE A 55 13.85 -8.44 -15.29
N SER A 56 12.70 -7.76 -15.29
CA SER A 56 12.42 -6.71 -16.27
C SER A 56 12.42 -5.36 -15.57
N VAL A 57 13.13 -4.38 -16.13
CA VAL A 57 13.30 -3.09 -15.46
C VAL A 57 13.31 -1.95 -16.48
N LYS A 58 12.66 -0.86 -16.11
CA LYS A 58 12.70 0.41 -16.85
C LYS A 58 14.05 1.11 -16.69
N THR A 59 14.75 1.33 -17.80
CA THR A 59 15.88 2.25 -17.84
C THR A 59 15.44 3.53 -18.53
N SER A 60 16.32 4.53 -18.53
CA SER A 60 15.98 5.76 -19.25
C SER A 60 15.77 5.48 -20.74
N ALA A 61 16.47 4.49 -21.30
CA ALA A 61 16.32 4.07 -22.69
C ALA A 61 15.13 3.16 -22.94
N GLY A 62 14.32 2.87 -21.93
CA GLY A 62 13.22 1.97 -22.11
C GLY A 62 13.43 0.70 -21.31
N PRO A 63 12.44 -0.19 -21.35
CA PRO A 63 12.54 -1.44 -20.58
C PRO A 63 13.65 -2.35 -21.10
N THR A 64 14.39 -2.94 -20.18
CA THR A 64 15.38 -3.96 -20.49
C THR A 64 15.19 -5.15 -19.56
N ASN A 65 15.95 -6.22 -19.80
CA ASN A 65 15.70 -7.50 -19.15
C ASN A 65 17.01 -8.15 -18.76
N LEU A 66 17.03 -8.81 -17.61
CA LEU A 66 18.23 -9.39 -17.06
C LEU A 66 17.86 -10.72 -16.44
N ARG A 67 18.44 -11.81 -16.93
CA ARG A 67 18.07 -13.13 -16.44
C ARG A 67 18.73 -13.41 -15.10
N ILE A 68 18.07 -14.26 -14.31
CA ILE A 68 18.63 -14.74 -13.07
C ILE A 68 19.02 -16.20 -13.24
N GLU A 69 20.21 -16.54 -12.77
CA GLU A 69 20.77 -17.88 -12.85
C GLU A 69 20.60 -18.63 -11.54
N TYR A 70 20.38 -19.93 -11.63
CA TYR A 70 20.38 -20.81 -10.47
C TYR A 70 21.34 -21.97 -10.73
N GLN A 71 22.36 -22.11 -9.90
CA GLN A 71 23.34 -23.19 -10.08
C GLN A 71 23.81 -23.67 -8.72
N ASP A 72 23.63 -24.97 -8.45
CA ASP A 72 24.08 -25.61 -7.22
C ASP A 72 23.50 -24.89 -6.00
N GLY A 73 22.20 -24.65 -6.05
CA GLY A 73 21.50 -24.14 -4.90
C GLY A 73 21.63 -22.65 -4.66
N LYS A 74 22.26 -21.90 -5.57
CA LYS A 74 22.45 -20.47 -5.38
C LYS A 74 21.96 -19.70 -6.60
N PHE A 75 21.42 -18.51 -6.33
CA PHE A 75 20.95 -17.56 -7.33
C PHE A 75 21.99 -16.46 -7.57
N ARG A 76 22.18 -16.06 -8.83
CA ARG A 76 22.93 -14.85 -9.12
C ARG A 76 22.47 -14.26 -10.45
N LEU A 77 22.83 -12.99 -10.67
CA LEU A 77 22.57 -12.38 -11.96
C LEU A 77 23.29 -13.17 -13.04
N ASP A 78 22.71 -13.19 -14.24
CA ASP A 78 23.25 -13.93 -15.39
C ASP A 78 24.76 -13.70 -15.56
N SER A 79 25.53 -14.78 -15.61
CA SER A 79 26.98 -14.63 -15.64
C SER A 79 27.50 -14.22 -17.00
N ILE A 80 26.62 -14.09 -17.99
CA ILE A 80 26.98 -13.56 -19.29
C ILE A 80 27.39 -12.09 -19.19
N ILE A 81 26.90 -11.38 -18.16
CA ILE A 81 27.07 -9.92 -18.14
C ILE A 81 28.37 -9.48 -17.47
N CYS A 82 29.05 -10.35 -16.74
CA CYS A 82 30.19 -9.95 -15.91
C CYS A 82 30.83 -11.22 -15.36
N VAL A 83 32.02 -11.06 -14.80
CA VAL A 83 32.64 -12.23 -14.18
C VAL A 83 31.89 -12.60 -12.91
N LYS A 84 31.78 -13.90 -12.65
CA LYS A 84 30.92 -14.38 -11.57
C LYS A 84 31.37 -13.89 -10.20
N SER A 85 32.65 -13.63 -10.01
CA SER A 85 33.09 -13.15 -8.70
C SER A 85 32.50 -11.81 -8.34
N LYS A 86 32.01 -11.06 -9.34
CA LYS A 86 31.37 -9.77 -9.15
C LYS A 86 29.85 -9.87 -9.09
N LEU A 87 29.30 -11.07 -9.21
CA LEU A 87 27.87 -11.36 -9.17
C LEU A 87 27.60 -12.16 -7.90
N LYS A 88 27.28 -11.47 -6.82
CA LYS A 88 27.00 -12.11 -5.53
C LYS A 88 25.93 -13.19 -5.65
N GLN A 89 26.13 -14.30 -4.93
CA GLN A 89 25.24 -15.45 -4.90
C GLN A 89 24.36 -15.40 -3.67
N PHE A 90 23.11 -15.85 -3.81
CA PHE A 90 22.14 -15.85 -2.72
C PHE A 90 21.38 -17.16 -2.68
N ASP A 91 20.93 -17.55 -1.47
CA ASP A 91 20.05 -18.71 -1.34
C ASP A 91 18.60 -18.40 -1.75
N SER A 92 18.17 -17.14 -1.68
CA SER A 92 16.83 -16.80 -2.13
C SER A 92 16.87 -15.64 -3.12
N VAL A 93 15.94 -15.67 -4.06
CA VAL A 93 15.98 -14.70 -5.15
C VAL A 93 15.38 -13.38 -4.71
N VAL A 94 14.44 -13.41 -3.77
CA VAL A 94 13.99 -12.15 -3.19
C VAL A 94 15.14 -11.47 -2.47
N HIS A 95 16.01 -12.24 -1.84
CA HIS A 95 17.16 -11.64 -1.16
C HIS A 95 18.11 -11.01 -2.17
N LEU A 96 18.34 -11.69 -3.29
CA LEU A 96 19.12 -11.11 -4.38
C LEU A 96 18.58 -9.75 -4.77
N ILE A 97 17.27 -9.67 -4.99
CA ILE A 97 16.65 -8.42 -5.40
C ILE A 97 16.82 -7.37 -4.31
N ASP A 98 16.46 -7.74 -3.08
CA ASP A 98 16.60 -6.84 -1.94
C ASP A 98 17.97 -6.19 -1.89
N TYR A 99 19.02 -7.01 -2.03
CA TYR A 99 20.41 -6.52 -2.06
C TYR A 99 20.62 -5.42 -3.09
N TYR A 100 20.29 -5.70 -4.35
CA TYR A 100 20.46 -4.68 -5.37
C TYR A 100 19.58 -3.46 -5.12
N VAL A 101 18.37 -3.66 -4.58
CA VAL A 101 17.56 -2.48 -4.25
C VAL A 101 18.23 -1.66 -3.13
N GLN A 102 18.65 -2.31 -2.04
CA GLN A 102 19.32 -1.59 -0.96
C GLN A 102 20.59 -0.93 -1.45
N MET A 103 21.28 -1.56 -2.38
CA MET A 103 22.46 -0.96 -2.97
C MET A 103 22.14 0.41 -3.53
N CYS A 104 21.00 0.55 -4.21
CA CYS A 104 20.66 1.84 -4.83
C CYS A 104 20.04 2.80 -3.82
N LYS A 105 19.17 2.30 -2.94
CA LYS A 105 18.67 3.15 -1.86
C LYS A 105 19.81 3.77 -1.09
N ASP A 106 20.84 2.98 -0.77
CA ASP A 106 21.97 3.47 0.01
C ASP A 106 22.91 4.34 -0.81
N LYS A 107 22.52 4.68 -2.03
CA LYS A 107 23.32 5.52 -2.91
C LYS A 107 24.72 4.94 -3.12
N ARG A 108 24.89 3.65 -2.88
CA ARG A 108 26.14 2.98 -3.25
C ARG A 108 26.17 2.61 -4.72
N THR A 109 25.11 2.95 -5.46
CA THR A 109 24.95 2.73 -6.89
C THR A 109 23.90 3.72 -7.38
N GLY A 110 24.15 4.32 -8.55
CA GLY A 110 23.20 5.24 -9.13
C GLY A 110 22.82 4.86 -10.55
N PRO A 111 21.96 5.68 -11.18
CA PRO A 111 21.53 5.38 -12.55
C PRO A 111 22.63 5.54 -13.58
N GLU A 112 23.76 6.16 -13.24
CA GLU A 112 24.87 6.28 -14.17
C GLU A 112 25.69 5.00 -14.18
N ALA A 113 26.13 4.59 -15.36
CA ALA A 113 26.86 3.34 -15.49
C ALA A 113 28.28 3.49 -14.93
N PRO A 114 28.79 2.47 -14.24
CA PRO A 114 30.20 2.50 -13.81
C PRO A 114 31.13 2.39 -15.01
N ARG A 115 32.35 2.89 -14.84
CA ARG A 115 33.31 2.94 -15.93
C ARG A 115 34.28 1.77 -15.92
N ASN A 116 34.30 0.97 -14.85
CA ASN A 116 35.26 -0.12 -14.68
C ASN A 116 34.65 -1.50 -14.95
N GLY A 117 33.47 -1.54 -15.56
CA GLY A 117 32.89 -2.79 -16.01
C GLY A 117 32.24 -3.63 -14.94
N THR A 118 32.05 -3.11 -13.73
CA THR A 118 31.32 -3.87 -12.72
C THR A 118 29.81 -3.81 -12.99
N VAL A 119 29.03 -4.41 -12.10
CA VAL A 119 27.61 -4.66 -12.34
C VAL A 119 26.82 -3.36 -12.18
N HIS A 120 25.94 -3.07 -13.16
CA HIS A 120 25.17 -1.83 -13.18
C HIS A 120 23.67 -2.12 -13.23
N LEU A 121 23.03 -2.22 -12.07
CA LEU A 121 21.61 -2.53 -11.97
C LEU A 121 20.93 -1.45 -11.15
N TYR A 122 20.13 -0.62 -11.79
CA TYR A 122 19.47 0.47 -11.08
C TYR A 122 18.03 0.05 -10.85
N LEU A 123 17.69 -0.25 -9.61
CA LEU A 123 16.36 -0.68 -9.23
C LEU A 123 15.85 0.23 -8.14
N THR A 124 14.58 0.67 -8.26
CA THR A 124 14.03 1.53 -7.24
C THR A 124 12.80 0.88 -6.62
N LYS A 125 11.68 0.87 -7.33
CA LYS A 125 10.43 0.38 -6.76
C LYS A 125 9.87 -0.77 -7.59
N PRO A 126 9.26 -1.76 -6.95
CA PRO A 126 8.67 -2.87 -7.71
C PRO A 126 7.35 -2.47 -8.34
N LEU A 127 6.99 -3.19 -9.41
CA LEU A 127 5.67 -3.07 -10.03
C LEU A 127 4.77 -4.18 -9.49
N TYR A 128 3.77 -3.79 -8.70
CA TYR A 128 2.88 -4.77 -8.09
C TYR A 128 1.85 -5.29 -9.08
N THR A 129 1.57 -6.59 -9.00
CA THR A 129 0.48 -7.18 -9.79
C THR A 129 -0.87 -6.77 -9.24
N SER A 130 -0.97 -6.71 -7.91
CA SER A 130 -2.16 -6.23 -7.22
C SER A 130 -1.71 -5.69 -5.88
N ALA A 131 -2.63 -4.98 -5.24
CA ALA A 131 -2.45 -4.50 -3.88
C ALA A 131 -2.15 -5.66 -2.94
N PRO A 132 -0.99 -5.69 -2.28
CA PRO A 132 -0.72 -6.77 -1.32
C PRO A 132 -1.57 -6.60 -0.07
N SER A 133 -1.56 -7.63 0.79
CA SER A 133 -2.35 -7.56 2.01
C SER A 133 -1.84 -6.45 2.91
N LEU A 134 -2.67 -6.05 3.88
CA LEU A 134 -2.23 -5.03 4.81
C LEU A 134 -1.20 -5.60 5.77
N GLN A 135 -1.36 -6.87 6.15
CA GLN A 135 -0.34 -7.54 6.93
C GLN A 135 1.02 -7.41 6.26
N HIS A 136 1.11 -7.80 4.98
CA HIS A 136 2.40 -7.76 4.30
C HIS A 136 2.94 -6.34 4.22
N LEU A 137 2.06 -5.37 4.00
CA LEU A 137 2.55 -3.99 3.94
C LEU A 137 3.15 -3.56 5.28
N CYS A 138 2.57 -4.04 6.38
CA CYS A 138 3.13 -3.72 7.70
C CYS A 138 4.44 -4.44 7.90
N ARG A 139 4.50 -5.71 7.49
CA ARG A 139 5.75 -6.45 7.55
C ARG A 139 6.86 -5.72 6.80
N LEU A 140 6.56 -5.20 5.60
CA LEU A 140 7.57 -4.45 4.85
C LEU A 140 8.06 -3.24 5.65
N THR A 141 7.15 -2.56 6.34
CA THR A 141 7.54 -1.38 7.10
C THR A 141 8.39 -1.73 8.32
N ILE A 142 8.03 -2.80 9.04
CA ILE A 142 8.85 -3.19 10.17
C ILE A 142 10.23 -3.66 9.71
N ASN A 143 10.32 -4.31 8.55
CA ASN A 143 11.61 -4.73 8.01
C ASN A 143 12.48 -3.53 7.64
N LYS A 144 11.88 -2.44 7.16
CA LYS A 144 12.64 -1.23 6.89
C LYS A 144 13.10 -0.51 8.17
N CYS A 145 12.58 -0.87 9.35
CA CYS A 145 12.96 -0.22 10.60
C CYS A 145 13.98 -1.01 11.42
N THR A 146 13.95 -2.34 11.37
CA THR A 146 14.83 -3.15 12.20
C THR A 146 14.87 -4.56 11.66
N GLY A 147 15.93 -5.27 12.02
CA GLY A 147 16.04 -6.68 11.71
C GLY A 147 15.84 -7.56 12.93
N ALA A 148 15.69 -6.95 14.10
CA ALA A 148 15.56 -7.68 15.37
C ALA A 148 14.08 -7.80 15.72
N ILE A 149 13.41 -8.75 15.06
CA ILE A 149 11.96 -8.88 15.24
C ILE A 149 11.64 -9.69 16.48
N TRP A 150 12.61 -10.42 17.03
CA TRP A 150 12.32 -11.26 18.17
C TRP A 150 12.27 -10.50 19.48
N GLY A 151 12.81 -9.28 19.53
CA GLY A 151 12.68 -8.44 20.70
C GLY A 151 11.50 -7.50 20.58
N LEU A 152 10.57 -7.78 19.65
CA LEU A 152 9.53 -6.78 19.45
C LEU A 152 8.34 -7.06 20.38
N PRO A 153 7.62 -6.01 20.79
CA PRO A 153 6.43 -6.23 21.62
C PRO A 153 5.29 -6.79 20.80
N LEU A 154 5.36 -8.08 20.49
CA LEU A 154 4.44 -8.73 19.57
C LEU A 154 4.21 -10.15 20.02
N PRO A 155 3.03 -10.71 19.75
CA PRO A 155 2.84 -12.16 19.96
C PRO A 155 3.73 -13.03 19.07
N THR A 156 4.11 -14.17 19.62
CA THR A 156 4.98 -15.09 18.90
C THR A 156 4.40 -15.45 17.53
N ARG A 157 3.07 -15.56 17.44
CA ARG A 157 2.43 -15.95 16.19
C ARG A 157 2.74 -14.94 15.07
N LEU A 158 2.85 -13.66 15.43
CA LEU A 158 3.13 -12.60 14.46
C LEU A 158 4.61 -12.38 14.23
N LYS A 159 5.45 -12.75 15.18
CA LYS A 159 6.88 -12.81 14.89
C LYS A 159 7.19 -13.94 13.90
N ASP A 160 6.45 -15.06 13.95
CA ASP A 160 6.67 -16.10 12.94
C ASP A 160 6.32 -15.61 11.55
N TYR A 161 5.34 -14.72 11.47
CA TYR A 161 4.96 -14.14 10.19
C TYR A 161 6.06 -13.24 9.66
N LEU A 162 6.58 -12.37 10.53
CA LEU A 162 7.65 -11.49 10.12
C LEU A 162 8.88 -12.28 9.71
N GLU A 163 9.09 -13.45 10.31
CA GLU A 163 10.27 -14.25 10.02
C GLU A 163 10.16 -14.93 8.66
N GLU A 164 8.97 -15.07 8.11
CA GLU A 164 8.81 -15.74 6.82
C GLU A 164 9.23 -14.86 5.65
N TYR A 165 9.42 -13.57 5.88
CA TYR A 165 9.73 -12.64 4.81
C TYR A 165 10.42 -11.45 5.48
N LYS A 166 11.76 -11.46 5.45
CA LYS A 166 12.54 -10.46 6.16
C LYS A 166 13.00 -9.30 5.28
N PHE A 167 12.53 -9.22 4.04
CA PHE A 167 13.08 -8.26 3.10
C PHE A 167 12.39 -6.89 3.21
N GLN A 168 13.08 -5.88 2.68
CA GLN A 168 12.60 -4.51 2.66
C GLN A 168 11.95 -4.13 1.33
N VAL A 169 11.75 -5.09 0.43
CA VAL A 169 11.05 -4.86 -0.81
C VAL A 169 10.12 -6.08 -1.04
N MET B 1 -9.14 12.93 -12.62
CA MET B 1 -10.47 12.33 -12.52
C MET B 1 -10.91 12.09 -11.07
N ASP B 2 -10.70 10.85 -10.60
CA ASP B 2 -11.23 10.45 -9.29
C ASP B 2 -10.50 11.16 -8.16
N VAL B 3 -11.27 11.56 -7.16
CA VAL B 3 -10.79 12.23 -5.96
C VAL B 3 -11.34 11.47 -4.77
N PHE B 4 -10.48 11.16 -3.80
CA PHE B 4 -10.87 10.37 -2.65
C PHE B 4 -10.78 11.22 -1.39
N LEU B 5 -11.80 11.10 -0.53
CA LEU B 5 -12.00 12.05 0.54
C LEU B 5 -12.44 11.37 1.82
N MET B 6 -12.13 12.02 2.93
CA MET B 6 -12.71 11.73 4.23
C MET B 6 -13.60 12.90 4.60
N ILE B 7 -14.90 12.67 4.70
CA ILE B 7 -15.79 13.73 5.14
C ILE B 7 -15.95 13.54 6.64
N ARG B 8 -15.59 14.58 7.40
CA ARG B 8 -15.41 14.49 8.84
C ARG B 8 -16.26 15.52 9.57
N ARG B 9 -16.92 15.09 10.65
CA ARG B 9 -17.69 15.92 11.56
C ARG B 9 -17.66 15.31 12.95
N HIS B 10 -17.19 16.08 13.93
CA HIS B 10 -17.00 15.61 15.31
C HIS B 10 -16.22 14.30 15.31
N LYS B 11 -16.91 13.20 15.60
CA LYS B 11 -16.33 11.87 15.63
C LYS B 11 -16.90 10.96 14.54
N THR B 12 -17.30 11.53 13.40
CA THR B 12 -17.81 10.76 12.28
C THR B 12 -16.92 11.00 11.07
N THR B 13 -16.59 9.92 10.35
CA THR B 13 -15.80 10.02 9.12
C THR B 13 -16.46 9.15 8.06
N ILE B 14 -16.70 9.75 6.90
CA ILE B 14 -17.20 9.04 5.72
C ILE B 14 -16.04 8.87 4.75
N PHE B 15 -15.83 7.63 4.32
CA PHE B 15 -14.92 7.38 3.20
C PHE B 15 -15.76 7.34 1.94
N THR B 16 -15.57 8.35 1.07
CA THR B 16 -16.23 8.38 -0.23
C THR B 16 -15.26 8.88 -1.29
N ASP B 17 -15.66 8.70 -2.55
CA ASP B 17 -14.92 9.25 -3.67
C ASP B 17 -15.87 9.98 -4.61
N ALA B 18 -15.31 10.91 -5.37
CA ALA B 18 -16.03 11.73 -6.31
C ALA B 18 -15.14 11.95 -7.53
N LYS B 19 -15.70 12.60 -8.56
CA LYS B 19 -14.92 13.00 -9.72
C LYS B 19 -14.46 14.44 -9.56
N GLU B 20 -13.26 14.73 -10.08
CA GLU B 20 -12.73 16.09 -9.94
C GLU B 20 -13.68 17.15 -10.50
N SER B 21 -14.55 16.76 -11.44
CA SER B 21 -15.56 17.64 -12.02
C SER B 21 -16.85 17.70 -11.22
N SER B 22 -17.01 16.82 -10.24
CA SER B 22 -18.19 16.88 -9.38
C SER B 22 -18.25 18.22 -8.66
N THR B 23 -19.46 18.66 -8.39
CA THR B 23 -19.70 19.90 -7.67
C THR B 23 -19.72 19.67 -6.16
N VAL B 24 -19.60 20.77 -5.42
CA VAL B 24 -19.80 20.70 -3.96
C VAL B 24 -21.21 20.25 -3.64
N PHE B 25 -22.20 20.75 -4.40
CA PHE B 25 -23.59 20.34 -4.19
C PHE B 25 -23.76 18.85 -4.36
N GLU B 26 -23.08 18.26 -5.35
CA GLU B 26 -23.08 16.81 -5.50
C GLU B 26 -22.48 16.14 -4.27
N LEU B 27 -21.50 16.78 -3.64
CA LEU B 27 -20.95 16.20 -2.41
C LEU B 27 -21.98 16.18 -1.30
N LYS B 28 -22.65 17.33 -1.07
CA LYS B 28 -23.70 17.39 -0.03
C LYS B 28 -24.81 16.38 -0.28
N ARG B 29 -25.13 16.11 -1.55
CA ARG B 29 -26.09 15.05 -1.87
C ARG B 29 -25.60 13.69 -1.41
N ILE B 30 -24.28 13.46 -1.40
CA ILE B 30 -23.77 12.20 -0.85
C ILE B 30 -23.99 12.17 0.64
N VAL B 31 -23.68 13.28 1.32
CA VAL B 31 -23.84 13.34 2.77
C VAL B 31 -25.27 13.02 3.16
N GLU B 32 -26.23 13.52 2.39
CA GLU B 32 -27.65 13.38 2.73
C GLU B 32 -28.08 11.93 2.72
N GLY B 33 -27.66 11.17 1.71
CA GLY B 33 -27.99 9.76 1.66
C GLY B 33 -27.56 9.00 2.90
N ILE B 34 -26.39 9.32 3.43
CA ILE B 34 -25.82 8.57 4.55
C ILE B 34 -26.24 9.13 5.90
N LEU B 35 -26.38 10.45 6.00
CA LEU B 35 -26.65 11.11 7.28
C LEU B 35 -28.03 11.72 7.38
N LYS B 36 -28.81 11.71 6.29
CA LYS B 36 -30.24 12.07 6.31
C LYS B 36 -30.46 13.50 6.78
N ARG B 37 -29.56 14.40 6.37
CA ARG B 37 -29.70 15.83 6.66
C ARG B 37 -29.65 16.54 5.33
N PRO B 38 -30.64 17.38 5.01
CA PRO B 38 -30.75 17.88 3.64
C PRO B 38 -29.61 18.81 3.29
N PRO B 39 -29.28 18.96 1.98
CA PRO B 39 -28.10 19.75 1.60
C PRO B 39 -28.10 21.17 2.10
N ASP B 40 -29.25 21.82 2.22
CA ASP B 40 -29.21 23.21 2.68
C ASP B 40 -28.86 23.29 4.15
N GLU B 41 -29.10 22.22 4.91
CA GLU B 41 -28.68 22.13 6.29
C GLU B 41 -27.22 21.71 6.45
N GLN B 42 -26.40 21.83 5.39
CA GLN B 42 -25.01 21.40 5.39
C GLN B 42 -24.07 22.53 5.01
N ARG B 43 -22.90 22.55 5.64
CA ARG B 43 -21.77 23.38 5.23
C ARG B 43 -20.53 22.48 5.11
N LEU B 44 -19.77 22.65 4.02
CA LEU B 44 -18.56 21.86 3.77
C LEU B 44 -17.36 22.79 3.70
N TYR B 45 -16.22 22.34 4.25
CA TYR B 45 -14.98 23.13 4.31
C TYR B 45 -13.78 22.35 3.79
N LYS B 46 -12.88 23.06 3.13
CA LYS B 46 -11.50 22.61 2.92
C LYS B 46 -10.62 23.45 3.83
N ASP B 47 -10.10 22.83 4.88
CA ASP B 47 -9.31 23.52 5.91
C ASP B 47 -10.27 24.46 6.63
N ASP B 48 -9.97 25.75 6.78
CA ASP B 48 -10.88 26.69 7.43
C ASP B 48 -11.71 27.51 6.46
N GLN B 49 -11.83 27.09 5.20
CA GLN B 49 -12.48 27.90 4.17
C GLN B 49 -13.76 27.22 3.69
N LEU B 50 -14.86 27.96 3.72
CA LEU B 50 -16.15 27.45 3.24
C LEU B 50 -16.14 27.31 1.72
N LEU B 51 -16.90 26.34 1.24
CA LEU B 51 -16.88 25.96 -0.17
C LEU B 51 -18.20 26.35 -0.84
N ASP B 52 -18.11 27.09 -1.95
CA ASP B 52 -19.29 27.49 -2.71
C ASP B 52 -19.93 26.27 -3.37
N ASP B 53 -21.25 26.12 -3.18
CA ASP B 53 -21.93 24.89 -3.58
C ASP B 53 -21.85 24.62 -5.07
N GLY B 54 -21.61 25.64 -5.88
CA GLY B 54 -21.63 25.45 -7.32
C GLY B 54 -20.27 25.18 -7.95
N LYS B 55 -19.20 25.27 -7.17
CA LYS B 55 -17.87 24.96 -7.68
C LYS B 55 -17.67 23.46 -7.85
N THR B 56 -16.83 23.09 -8.80
CA THR B 56 -16.31 21.73 -8.82
C THR B 56 -15.28 21.54 -7.71
N LEU B 57 -15.07 20.28 -7.34
CA LEU B 57 -14.01 19.97 -6.38
C LEU B 57 -12.66 20.45 -6.90
N GLY B 58 -12.41 20.27 -8.21
CA GLY B 58 -11.21 20.83 -8.80
C GLY B 58 -11.00 22.29 -8.49
N GLU B 59 -12.01 23.12 -8.79
CA GLU B 59 -11.88 24.54 -8.50
C GLU B 59 -11.80 24.84 -7.02
N CYS B 60 -12.04 23.85 -6.17
CA CYS B 60 -11.80 24.00 -4.74
C CYS B 60 -10.41 23.50 -4.33
N GLY B 61 -9.71 22.80 -5.22
CA GLY B 61 -8.35 22.39 -4.98
C GLY B 61 -8.14 20.90 -4.85
N PHE B 62 -9.19 20.10 -4.94
CA PHE B 62 -9.06 18.67 -4.72
C PHE B 62 -8.62 18.03 -6.04
N THR B 63 -7.31 17.86 -6.22
CA THR B 63 -6.84 17.18 -7.42
C THR B 63 -6.66 15.70 -7.14
N SER B 64 -6.64 14.92 -8.22
CA SER B 64 -6.38 13.49 -8.10
C SER B 64 -5.04 13.26 -7.40
N GLN B 65 -4.03 14.04 -7.77
CA GLN B 65 -2.72 13.88 -7.17
C GLN B 65 -2.73 14.14 -5.68
N THR B 66 -3.65 14.96 -5.19
CA THR B 66 -3.66 15.30 -3.77
C THR B 66 -4.75 14.60 -2.97
N ALA B 67 -5.54 13.74 -3.60
CA ALA B 67 -6.67 13.11 -2.96
C ALA B 67 -6.67 11.64 -3.37
N ARG B 68 -5.65 10.91 -2.95
CA ARG B 68 -5.44 9.53 -3.38
C ARG B 68 -6.19 8.59 -2.46
N PRO B 69 -6.50 7.39 -2.93
CA PRO B 69 -7.20 6.43 -2.06
C PRO B 69 -6.42 6.07 -0.81
N GLN B 70 -5.10 5.98 -0.94
CA GLN B 70 -4.23 5.70 0.20
C GLN B 70 -3.94 6.93 1.05
N ALA B 71 -4.36 8.12 0.62
CA ALA B 71 -4.12 9.35 1.37
C ALA B 71 -5.22 10.36 1.06
N PRO B 72 -6.46 10.07 1.47
CA PRO B 72 -7.58 10.93 1.06
C PRO B 72 -7.50 12.31 1.68
N ALA B 73 -7.99 13.29 0.92
CA ALA B 73 -8.16 14.66 1.38
C ALA B 73 -9.32 14.74 2.37
N THR B 74 -9.24 15.67 3.30
CA THR B 74 -10.27 15.83 4.32
C THR B 74 -11.21 16.97 3.95
N VAL B 75 -12.50 16.70 4.01
CA VAL B 75 -13.54 17.72 3.91
C VAL B 75 -14.21 17.84 5.28
N GLY B 76 -14.25 19.06 5.82
CA GLY B 76 -14.97 19.29 7.06
C GLY B 76 -16.45 19.53 6.82
N LEU B 77 -17.26 19.13 7.81
CA LEU B 77 -18.71 19.18 7.70
C LEU B 77 -19.34 19.82 8.94
N ALA B 78 -20.20 20.82 8.72
CA ALA B 78 -20.94 21.46 9.81
C ALA B 78 -22.43 21.41 9.52
N PHE B 79 -23.23 21.11 10.54
CA PHE B 79 -24.67 20.98 10.39
C PHE B 79 -25.39 22.23 10.89
N ARG B 80 -26.59 22.46 10.35
CA ARG B 80 -27.44 23.57 10.77
C ARG B 80 -28.38 23.11 11.90
N ASP B 82 -30.63 24.15 14.32
CA ASP B 82 -31.95 24.68 13.96
C ASP B 82 -31.81 25.96 13.14
N ASP B 83 -31.71 27.11 13.81
CA ASP B 83 -31.58 28.37 13.11
C ASP B 83 -30.14 28.69 12.76
N THR B 84 -29.21 28.34 13.63
CA THR B 84 -27.80 28.65 13.43
C THR B 84 -27.05 27.47 12.84
N PHE B 85 -26.04 27.76 12.05
CA PHE B 85 -25.07 26.77 11.65
C PHE B 85 -24.04 26.63 12.75
N GLU B 86 -23.74 25.39 13.14
CA GLU B 86 -22.75 25.14 14.16
C GLU B 86 -21.35 25.47 13.65
N ALA B 87 -20.42 25.58 14.59
CA ALA B 87 -19.01 25.77 14.23
C ALA B 87 -18.43 24.48 13.69
N LEU B 88 -17.55 24.60 12.70
CA LEU B 88 -16.81 23.44 12.25
C LEU B 88 -15.92 22.92 13.36
N CYS B 89 -16.06 21.63 13.66
CA CYS B 89 -15.34 21.00 14.77
C CYS B 89 -15.08 19.56 14.37
N ILE B 90 -13.82 19.14 14.37
CA ILE B 90 -13.43 17.80 13.96
C ILE B 90 -12.62 17.18 15.09
N GLU B 91 -13.08 16.06 15.61
CA GLU B 91 -12.38 15.48 16.75
C GLU B 91 -11.19 14.69 16.24
N PRO B 92 -10.00 14.89 16.82
CA PRO B 92 -8.81 14.19 16.31
C PRO B 92 -8.82 12.72 16.67
N PHE B 93 -8.07 11.95 15.88
CA PHE B 93 -7.82 10.55 16.18
C PHE B 93 -6.87 10.42 17.36
N SER B 94 -6.91 9.25 18.02
CA SER B 94 -5.93 8.96 19.05
C SER B 94 -4.51 9.10 18.49
N SER B 95 -3.55 9.36 19.39
CA SER B 95 -2.16 9.48 18.95
C SER B 95 -1.42 8.16 19.09
N PRO B 96 -0.49 7.89 18.17
CA PRO B 96 0.22 6.62 18.20
C PRO B 96 1.17 6.57 19.39
N PRO B 97 1.43 5.38 19.91
CA PRO B 97 2.43 5.25 20.98
C PRO B 97 3.82 5.59 20.47
N GLU B 98 4.74 5.74 21.41
CA GLU B 98 6.13 5.98 21.05
C GLU B 98 6.76 4.76 20.41
N LEU B 99 7.57 4.99 19.38
CA LEU B 99 8.26 3.92 18.68
C LEU B 99 9.19 3.18 19.65
N PRO B 100 9.15 1.84 19.70
CA PRO B 100 10.11 1.10 20.52
C PRO B 100 11.54 1.37 20.06
N ASP B 101 12.48 1.23 20.99
CA ASP B 101 13.86 1.68 20.75
C ASP B 101 14.48 0.96 19.57
N VAL B 102 14.27 -0.36 19.46
CA VAL B 102 14.82 -1.12 18.35
C VAL B 102 14.48 -0.47 17.01
N MET B 103 13.27 0.10 16.91
CA MET B 103 12.75 0.59 15.65
C MET B 103 13.10 2.03 15.35
N LYS B 104 13.84 2.70 16.24
CA LYS B 104 14.10 4.15 16.10
C LYS B 104 15.28 4.45 15.17
N MET C 1 -27.16 0.14 3.90
CA MET C 1 -26.79 -1.17 3.37
C MET C 1 -25.82 -1.03 2.20
N MET C 2 -25.80 0.15 1.57
CA MET C 2 -24.70 0.45 0.67
C MET C 2 -23.44 0.77 1.47
N TYR C 3 -23.61 1.24 2.72
CA TYR C 3 -22.52 1.54 3.63
C TYR C 3 -22.67 0.79 4.94
N VAL C 4 -21.52 0.62 5.63
CA VAL C 4 -21.49 0.11 6.99
C VAL C 4 -20.70 1.10 7.85
N LYS C 5 -20.94 1.03 9.16
CA LYS C 5 -20.32 1.91 10.13
C LYS C 5 -19.39 1.09 11.02
N LEU C 6 -18.14 1.50 11.10
CA LEU C 6 -17.15 0.82 11.94
C LEU C 6 -16.73 1.80 13.03
N ILE C 7 -16.69 1.31 14.26
CA ILE C 7 -16.49 2.15 15.43
C ILE C 7 -15.24 1.70 16.15
N SER C 8 -14.33 2.63 16.39
CA SER C 8 -13.07 2.31 17.06
C SER C 8 -13.29 2.22 18.56
N SER C 9 -12.23 1.92 19.29
CA SER C 9 -12.35 1.75 20.74
C SER C 9 -12.50 3.07 21.48
N ASP C 10 -11.96 4.16 20.95
CA ASP C 10 -12.14 5.51 21.48
C ASP C 10 -13.37 6.22 20.90
N GLY C 11 -14.30 5.47 20.32
CA GLY C 11 -15.57 6.04 19.90
C GLY C 11 -15.62 6.74 18.55
N HIS C 12 -14.61 6.63 17.71
CA HIS C 12 -14.73 7.21 16.37
C HIS C 12 -15.52 6.28 15.47
N GLU C 13 -16.42 6.86 14.68
CA GLU C 13 -17.22 6.10 13.73
C GLU C 13 -16.71 6.34 12.32
N PHE C 14 -16.56 5.27 11.57
CA PHE C 14 -16.06 5.34 10.21
C PHE C 14 -17.13 4.73 9.30
N ILE C 15 -17.61 5.52 8.35
CA ILE C 15 -18.63 5.06 7.43
C ILE C 15 -17.96 4.82 6.09
N VAL C 16 -18.00 3.57 5.63
CA VAL C 16 -17.33 3.15 4.40
C VAL C 16 -18.30 2.27 3.63
N LYS C 17 -18.10 2.22 2.31
CA LYS C 17 -18.96 1.39 1.47
C LYS C 17 -18.88 -0.06 1.92
N ARG C 18 -20.05 -0.72 1.97
CA ARG C 18 -20.12 -2.11 2.45
C ARG C 18 -19.24 -3.02 1.60
N GLU C 19 -19.20 -2.79 0.30
CA GLU C 19 -18.33 -3.58 -0.55
C GLU C 19 -16.88 -3.43 -0.12
N HIS C 20 -16.49 -2.21 0.27
CA HIS C 20 -15.14 -1.98 0.75
C HIS C 20 -14.85 -2.76 2.02
N ALA C 21 -15.81 -2.79 2.95
CA ALA C 21 -15.52 -3.42 4.23
C ALA C 21 -15.30 -4.92 4.09
N LEU C 22 -15.75 -5.49 2.98
CA LEU C 22 -15.70 -6.93 2.82
C LEU C 22 -14.32 -7.45 2.47
N THR C 23 -13.37 -6.57 2.15
CA THR C 23 -12.00 -7.06 1.96
C THR C 23 -11.49 -7.73 3.23
N SER C 24 -11.90 -7.22 4.39
CA SER C 24 -11.58 -7.88 5.65
C SER C 24 -12.32 -9.21 5.76
N GLY C 25 -11.58 -10.31 5.87
CA GLY C 25 -12.20 -11.61 6.02
C GLY C 25 -12.97 -11.74 7.32
N THR C 26 -12.48 -11.13 8.39
CA THR C 26 -13.19 -11.16 9.65
C THR C 26 -14.52 -10.41 9.55
N ILE C 27 -14.51 -9.22 8.95
CA ILE C 27 -15.75 -8.46 8.80
C ILE C 27 -16.74 -9.19 7.90
N LYS C 28 -16.25 -9.80 6.82
CA LYS C 28 -17.12 -10.52 5.89
C LYS C 28 -17.87 -11.64 6.57
N ALA C 29 -17.29 -12.25 7.60
CA ALA C 29 -17.98 -13.33 8.29
C ALA C 29 -19.18 -12.80 9.06
N MET C 30 -18.99 -11.71 9.80
CA MET C 30 -20.07 -11.14 10.59
C MET C 30 -21.17 -10.58 9.69
N LEU C 31 -20.79 -9.77 8.69
CA LEU C 31 -21.80 -9.10 7.89
C LEU C 31 -22.37 -10.02 6.82
N SER C 32 -21.58 -10.95 6.29
CA SER C 32 -22.05 -11.89 5.25
C SER C 32 -22.13 -13.33 5.81
N THR C 42 -27.68 -5.61 12.95
CA THR C 42 -27.35 -4.21 12.69
C THR C 42 -26.21 -4.11 11.68
N ASN C 43 -26.02 -2.90 11.14
CA ASN C 43 -25.02 -2.65 10.10
C ASN C 43 -23.79 -1.93 10.65
N GLU C 44 -23.53 -2.06 11.95
CA GLU C 44 -22.38 -1.46 12.59
C GLU C 44 -21.51 -2.56 13.18
N VAL C 45 -20.20 -2.30 13.28
CA VAL C 45 -19.28 -3.22 13.92
C VAL C 45 -18.44 -2.43 14.91
N ASN C 46 -18.39 -2.89 16.15
CA ASN C 46 -17.66 -2.22 17.22
C ASN C 46 -16.36 -2.97 17.47
N PHE C 47 -15.25 -2.33 17.13
CA PHE C 47 -13.92 -2.85 17.44
C PHE C 47 -13.49 -2.26 18.78
N ARG C 48 -13.64 -3.04 19.84
CA ARG C 48 -13.36 -2.55 21.18
C ARG C 48 -11.88 -2.62 21.55
N GLU C 49 -11.01 -3.03 20.63
CA GLU C 49 -9.58 -3.08 20.91
C GLU C 49 -8.75 -2.42 19.81
N ILE C 50 -9.39 -1.70 18.88
CA ILE C 50 -8.69 -1.03 17.79
C ILE C 50 -8.90 0.48 17.92
N PRO C 51 -7.87 1.28 18.17
CA PRO C 51 -8.03 2.73 18.27
C PRO C 51 -8.19 3.40 16.91
N SER C 52 -8.60 4.67 16.97
CA SER C 52 -9.00 5.37 15.75
C SER C 52 -7.80 5.65 14.86
N HIS C 53 -6.62 5.94 15.43
CA HIS C 53 -5.48 6.17 14.56
C HIS C 53 -5.14 4.94 13.74
N VAL C 54 -5.45 3.74 14.26
CA VAL C 54 -5.25 2.51 13.51
C VAL C 54 -6.43 2.23 12.58
N LEU C 55 -7.66 2.39 13.08
CA LEU C 55 -8.84 2.06 12.30
C LEU C 55 -8.98 2.96 11.07
N SER C 56 -8.61 4.24 11.19
CA SER C 56 -8.69 5.12 10.03
C SER C 56 -7.77 4.63 8.92
N LYS C 57 -6.55 4.24 9.28
CA LYS C 57 -5.62 3.69 8.29
C LYS C 57 -6.15 2.40 7.69
N VAL C 58 -6.84 1.57 8.49
CA VAL C 58 -7.39 0.35 7.93
C VAL C 58 -8.40 0.68 6.83
N CYS C 59 -9.21 1.71 7.05
CA CYS C 59 -10.23 2.09 6.07
C CYS C 59 -9.60 2.61 4.78
N MET C 60 -8.55 3.42 4.90
CA MET C 60 -7.80 3.82 3.73
C MET C 60 -7.32 2.60 2.94
N TYR C 61 -6.94 1.52 3.64
CA TYR C 61 -6.49 0.32 2.95
C TYR C 61 -7.63 -0.36 2.20
N PHE C 62 -8.83 -0.40 2.79
CA PHE C 62 -10.00 -0.90 2.07
C PHE C 62 -10.19 -0.16 0.74
N THR C 63 -10.11 1.18 0.76
CA THR C 63 -10.21 1.93 -0.47
C THR C 63 -9.12 1.49 -1.46
N TYR C 64 -7.86 1.62 -1.04
CA TYR C 64 -6.73 1.29 -1.88
C TYR C 64 -6.80 -0.13 -2.43
N LYS C 65 -7.21 -1.10 -1.61
CA LYS C 65 -7.31 -2.47 -2.09
C LYS C 65 -8.33 -2.60 -3.20
N VAL C 66 -9.49 -1.95 -3.04
CA VAL C 66 -10.56 -2.08 -4.03
C VAL C 66 -10.19 -1.36 -5.31
N ARG C 67 -9.60 -0.17 -5.18
CA ARG C 67 -9.23 0.58 -6.37
C ARG C 67 -8.21 -0.18 -7.19
N TYR C 68 -7.30 -0.88 -6.53
CA TYR C 68 -6.10 -1.42 -7.13
C TYR C 68 -6.08 -2.94 -7.07
N THR C 69 -7.23 -3.59 -7.29
CA THR C 69 -7.20 -5.03 -7.48
C THR C 69 -6.56 -5.38 -8.81
N ASN C 70 -7.08 -4.79 -9.89
CA ASN C 70 -6.47 -4.92 -11.20
C ASN C 70 -5.09 -4.28 -11.21
N SER C 71 -4.47 -4.27 -12.40
CA SER C 71 -3.21 -3.55 -12.59
C SER C 71 -3.24 -2.65 -13.82
N SER C 72 -4.43 -2.31 -14.32
CA SER C 72 -4.49 -1.38 -15.44
C SER C 72 -3.97 0.00 -15.05
N THR C 73 -4.01 0.32 -13.76
CA THR C 73 -3.30 1.47 -13.22
C THR C 73 -2.06 0.97 -12.50
N GLU C 74 -0.96 1.69 -12.65
CA GLU C 74 0.20 1.42 -11.83
C GLU C 74 -0.19 1.56 -10.37
N ILE C 75 0.04 0.50 -9.61
CA ILE C 75 -0.32 0.48 -8.19
C ILE C 75 0.71 1.27 -7.39
N PRO C 76 0.29 2.42 -6.83
CA PRO C 76 1.20 3.24 -6.02
C PRO C 76 1.53 2.59 -4.68
N GLU C 77 2.39 3.22 -3.90
CA GLU C 77 2.75 2.66 -2.62
C GLU C 77 1.76 3.10 -1.54
N PHE C 78 1.57 2.23 -0.57
CA PHE C 78 0.73 2.52 0.57
C PHE C 78 1.62 2.95 1.72
N PRO C 79 1.65 4.24 2.06
CA PRO C 79 2.55 4.71 3.12
C PRO C 79 2.01 4.36 4.51
N ILE C 80 2.90 3.85 5.36
CA ILE C 80 2.57 3.41 6.71
C ILE C 80 3.61 4.00 7.64
N ALA C 81 3.23 4.98 8.46
CA ALA C 81 4.17 5.51 9.44
C ALA C 81 4.75 4.37 10.28
N PRO C 82 6.05 4.40 10.58
CA PRO C 82 6.62 3.40 11.50
C PRO C 82 5.90 3.27 12.83
N GLU C 83 5.26 4.34 13.30
CA GLU C 83 4.72 4.38 14.66
C GLU C 83 3.43 3.59 14.81
N ILE C 84 2.71 3.35 13.72
CA ILE C 84 1.48 2.57 13.80
C ILE C 84 1.68 1.13 13.39
N ALA C 85 2.86 0.77 12.87
CA ALA C 85 2.99 -0.45 12.09
C ALA C 85 2.85 -1.69 12.97
N LEU C 86 3.34 -1.62 14.21
CA LEU C 86 3.09 -2.69 15.16
C LEU C 86 1.60 -2.88 15.38
N GLU C 87 0.87 -1.80 15.69
CA GLU C 87 -0.56 -1.94 15.96
C GLU C 87 -1.32 -2.27 14.68
N LEU C 88 -0.90 -1.67 13.56
CA LEU C 88 -1.53 -1.94 12.29
C LEU C 88 -1.38 -3.41 11.92
N LEU C 89 -0.19 -3.97 12.16
CA LEU C 89 0.02 -5.41 11.94
C LEU C 89 -1.02 -6.24 12.70
N MET C 90 -1.19 -5.95 13.99
CA MET C 90 -2.11 -6.77 14.78
C MET C 90 -3.55 -6.58 14.35
N ALA C 91 -3.93 -5.33 14.05
CA ALA C 91 -5.25 -5.10 13.47
C ALA C 91 -5.42 -5.85 12.16
N ALA C 92 -4.47 -5.69 11.23
CA ALA C 92 -4.59 -6.37 9.93
C ALA C 92 -4.72 -7.88 10.12
N ASN C 93 -4.01 -8.43 11.09
CA ASN C 93 -4.14 -9.85 11.39
C ASN C 93 -5.46 -10.17 12.06
N PHE C 94 -5.98 -9.25 12.88
CA PHE C 94 -7.29 -9.52 13.47
C PHE C 94 -8.39 -9.46 12.42
N LEU C 95 -8.32 -8.49 11.51
CA LEU C 95 -9.35 -8.33 10.49
C LEU C 95 -9.15 -9.26 9.30
N ASP C 96 -8.02 -9.96 9.23
CA ASP C 96 -7.64 -10.84 8.13
C ASP C 96 -7.71 -10.12 6.77
N CYS C 97 -6.92 -9.06 6.67
CA CYS C 97 -6.77 -8.42 5.37
C CYS C 97 -5.31 -7.99 5.08
C10 JI0 D . 14.16 -5.35 -24.36
C13 JI0 D . 19.89 -7.71 -22.58
C15 JI0 D . 21.64 -6.75 -21.08
C17 JI0 D . 22.93 -6.41 -18.95
C21 JI0 D . 20.76 -5.20 -17.74
C22 JI0 D . 19.61 -4.53 -17.00
C24 JI0 D . 20.64 -5.65 -19.05
C26 JI0 D . 18.65 -9.87 -22.96
C28 JI0 D . 16.25 -10.51 -23.53
C02 JI0 D . 16.90 -6.92 -23.83
C03 JI0 D . 16.37 -6.29 -25.12
C04 JI0 D . 14.84 -6.27 -25.14
C05 JI0 D . 14.14 -7.17 -25.93
C06 JI0 D . 12.75 -7.14 -25.95
C07 JI0 D . 12.06 -6.21 -25.17
C09 JI0 D . 12.77 -5.32 -24.38
C12 JI0 D . 18.53 -8.36 -22.71
C16 JI0 D . 21.74 -6.25 -19.64
C18 JI0 D . 23.05 -5.96 -17.65
C19 JI0 D . 21.96 -5.36 -17.06
C23 JI0 D . 19.86 -3.02 -16.78
C27 JI0 D . 17.32 -10.54 -22.65
C29 JI0 D . 15.05 -11.12 -23.19
C30 JI0 D . 14.92 -11.74 -21.94
C36 JI0 D . 15.97 -11.74 -21.07
C37 JI0 D . 17.17 -11.15 -21.43
F08 JI0 D . 10.70 -6.17 -25.18
F20 JI0 D . 22.02 -4.90 -15.80
N11 JI0 D . 18.04 -7.76 -23.91
N14 JI0 D . 20.36 -7.36 -21.26
O01 JI0 D . 16.39 -6.73 -22.79
O25 JI0 D . 20.52 -7.48 -23.57
O31 JI0 D . 13.70 -12.33 -21.54
O33 JI0 D . 12.04 -14.12 -21.11
O34 JI0 D . 14.41 -14.47 -20.30
O35 JI0 D . 13.97 -14.56 -22.71
P32 JI0 D . 13.51 -13.96 -21.39
#